data_7OYN
#
_entry.id   7OYN
#
_cell.length_a   42.230
_cell.length_b   41.300
_cell.length_c   72.220
_cell.angle_alpha   90.000
_cell.angle_beta   104.400
_cell.angle_gamma   90.000
#
_symmetry.space_group_name_H-M   'P 1 21 1'
#
loop_
_entity.id
_entity.type
_entity.pdbx_description
1 polymer 'Carbonic anhydrase 2'
2 polymer 'Hit3 (MH57)'
3 non-polymer 'ZINC ION'
4 water water
#
loop_
_entity_poly.entity_id
_entity_poly.type
_entity_poly.pdbx_seq_one_letter_code
_entity_poly.pdbx_strand_id
1 'polypeptide(L)'
;MSHHWGYGKHNGPEHWHKDFPIAKGERQSPVDIDTHTAKYDPSLKPLSVSYDQATSLRILNNGHAFNVEFDDSQDKAVLK
GGPLDGTYRLIQFHFHWGSLDGQGSEHTVDKKKYAAELHLVHWNTKYGDFGKAVQQPDGLAVLGIFLKVGSAKPGLQKVV
DVLDSIKTKGKSADFTNFDPRGLLPESLDYWTYPGSLTTPPLLECVTWIVLKEPISVSSEQVLKFRKLNFNGEGEPEELM
VDNWRPAQPLKNRQIKASFK
;
A
2 'polypeptide(L)' (65T)SLPFTVY(NHA) B
#
loop_
_chem_comp.id
_chem_comp.type
_chem_comp.name
_chem_comp.formula
NHA non-polymer C-DEHYDROXY-C-AMINO-ASPARAGINE 'C4 H9 N3 O2'
ZN non-polymer 'ZINC ION' 'Zn 2'
#
# COMPACT_ATOMS: atom_id res chain seq x y z
N HIS A 4 -15.25 16.33 -2.03
CA HIS A 4 -14.80 14.97 -2.34
C HIS A 4 -14.09 14.41 -1.10
N TRP A 5 -13.91 13.11 -1.08
CA TRP A 5 -13.27 12.44 0.07
C TRP A 5 -11.81 12.84 0.15
N GLY A 6 -11.27 12.79 1.35
CA GLY A 6 -9.84 13.03 1.56
C GLY A 6 -9.46 12.58 2.95
N TYR A 7 -8.55 13.32 3.60
CA TYR A 7 -8.05 12.96 4.95
C TYR A 7 -8.32 14.04 6.02
N GLY A 8 -9.11 15.07 5.71
CA GLY A 8 -9.46 16.16 6.67
C GLY A 8 -10.59 15.85 7.65
N LYS A 9 -10.85 16.82 8.53
CA LYS A 9 -11.92 16.78 9.55
C LYS A 9 -13.28 16.58 8.87
N HIS A 10 -13.50 17.27 7.75
CA HIS A 10 -14.84 17.32 7.15
C HIS A 10 -14.97 16.30 6.03
N ASN A 11 -13.87 15.63 5.60
CA ASN A 11 -13.93 14.68 4.46
C ASN A 11 -13.08 13.43 4.69
N GLY A 12 -12.57 13.20 5.90
CA GLY A 12 -11.64 12.11 6.21
C GLY A 12 -12.37 10.79 6.40
N PRO A 13 -11.61 9.76 6.83
CA PRO A 13 -12.13 8.40 6.93
C PRO A 13 -13.47 8.24 7.66
N GLU A 14 -13.75 9.06 8.65
CA GLU A 14 -14.98 8.92 9.46
C GLU A 14 -16.20 9.37 8.63
N HIS A 15 -15.98 10.05 7.51
CA HIS A 15 -17.05 10.54 6.62
C HIS A 15 -17.28 9.63 5.42
N TRP A 16 -16.32 8.75 5.10
CA TRP A 16 -16.34 8.04 3.80
C TRP A 16 -17.60 7.19 3.63
N HIS A 17 -18.16 6.69 4.72
CA HIS A 17 -19.33 5.79 4.63
C HIS A 17 -20.53 6.46 3.97
N LYS A 18 -20.61 7.79 4.01
CA LYS A 18 -21.80 8.47 3.43
C LYS A 18 -21.82 8.26 1.91
N ASP A 19 -20.68 8.40 1.24
CA ASP A 19 -20.60 8.18 -0.23
C ASP A 19 -20.31 6.72 -0.56
N PHE A 20 -19.68 5.99 0.35
CA PHE A 20 -19.23 4.62 0.11
C PHE A 20 -19.68 3.76 1.29
N PRO A 21 -20.95 3.31 1.32
CA PRO A 21 -21.47 2.61 2.50
C PRO A 21 -20.71 1.32 2.85
N ILE A 22 -20.01 0.72 1.88
N ILE A 22 -19.99 0.75 1.88
CA ILE A 22 -19.16 -0.47 2.15
CA ILE A 22 -19.12 -0.45 2.06
C ILE A 22 -18.08 -0.14 3.18
C ILE A 22 -18.00 -0.14 3.06
N ALA A 23 -17.84 1.14 3.47
CA ALA A 23 -16.88 1.54 4.51
C ALA A 23 -17.19 0.82 5.84
N LYS A 24 -18.45 0.46 6.07
CA LYS A 24 -18.88 -0.25 7.31
C LYS A 24 -19.08 -1.74 7.03
N GLY A 25 -18.43 -2.28 6.00
CA GLY A 25 -18.63 -3.66 5.56
C GLY A 25 -17.94 -4.70 6.43
N GLU A 26 -18.01 -5.92 5.97
CA GLU A 26 -17.57 -7.08 6.75
C GLU A 26 -16.09 -7.41 6.50
N ARG A 27 -15.45 -6.82 5.50
CA ARG A 27 -14.03 -7.16 5.25
C ARG A 27 -13.25 -5.92 4.88
N GLN A 28 -13.32 -4.91 5.73
CA GLN A 28 -12.62 -3.64 5.49
C GLN A 28 -11.17 -3.69 5.98
N SER A 29 -10.35 -2.88 5.32
CA SER A 29 -8.92 -2.73 5.63
C SER A 29 -8.61 -1.28 5.88
N PRO A 30 -7.51 -0.97 6.60
CA PRO A 30 -6.61 -1.92 7.23
C PRO A 30 -7.18 -2.45 8.53
N VAL A 31 -6.40 -3.30 9.21
CA VAL A 31 -6.73 -3.89 10.51
C VAL A 31 -5.47 -3.84 11.38
N ASP A 32 -5.70 -3.96 12.68
CA ASP A 32 -4.61 -4.27 13.61
C ASP A 32 -4.30 -5.76 13.53
N ILE A 33 -3.02 -6.05 13.42
CA ILE A 33 -2.51 -7.45 13.40
C ILE A 33 -2.11 -7.78 14.83
N ASP A 34 -2.91 -8.60 15.48
N ASP A 34 -2.95 -8.56 15.50
CA ASP A 34 -2.60 -9.06 16.84
CA ASP A 34 -2.65 -9.12 16.83
C ASP A 34 -1.71 -10.30 16.68
C ASP A 34 -1.71 -10.31 16.61
N THR A 35 -0.43 -10.13 16.93
CA THR A 35 0.59 -11.15 16.58
C THR A 35 0.39 -12.42 17.38
N HIS A 36 -0.17 -12.31 18.58
CA HIS A 36 -0.37 -13.51 19.42
C HIS A 36 -1.59 -14.31 18.94
N THR A 37 -2.59 -13.68 18.32
CA THR A 37 -3.84 -14.32 17.82
C THR A 37 -3.68 -14.83 16.39
N ALA A 38 -2.76 -14.28 15.62
CA ALA A 38 -2.56 -14.73 14.24
C ALA A 38 -2.09 -16.17 14.29
N LYS A 39 -2.68 -17.02 13.49
CA LYS A 39 -2.25 -18.42 13.59
C LYS A 39 -1.27 -18.75 12.49
N TYR A 40 -0.22 -19.43 12.90
CA TYR A 40 0.71 -20.02 11.94
C TYR A 40 -0.06 -21.04 11.10
N ASP A 41 0.08 -20.94 9.81
CA ASP A 41 -0.60 -21.85 8.85
C ASP A 41 0.47 -22.55 8.04
N PRO A 42 0.82 -23.82 8.38
CA PRO A 42 1.88 -24.52 7.67
C PRO A 42 1.51 -24.80 6.21
N SER A 43 0.23 -24.65 5.83
CA SER A 43 -0.23 -24.81 4.43
C SER A 43 0.13 -23.59 3.56
N LEU A 44 0.48 -22.46 4.16
CA LEU A 44 0.83 -21.24 3.39
C LEU A 44 2.18 -21.45 2.72
N LYS A 45 2.27 -21.04 1.47
CA LYS A 45 3.51 -21.21 0.69
C LYS A 45 4.37 -19.96 0.81
N PRO A 46 5.68 -20.12 0.52
CA PRO A 46 6.53 -18.95 0.36
C PRO A 46 5.91 -18.02 -0.70
N LEU A 47 6.05 -16.73 -0.46
CA LEU A 47 5.65 -15.75 -1.46
C LEU A 47 6.63 -15.82 -2.62
N SER A 48 6.14 -15.75 -3.85
CA SER A 48 6.96 -15.66 -5.07
C SER A 48 6.81 -14.24 -5.61
N VAL A 49 7.85 -13.45 -5.44
CA VAL A 49 7.90 -12.07 -5.96
C VAL A 49 8.82 -12.07 -7.17
N SER A 50 8.32 -11.92 -8.39
CA SER A 50 9.14 -11.97 -9.62
C SER A 50 9.09 -10.60 -10.29
N TYR A 51 10.03 -9.73 -9.91
CA TYR A 51 10.08 -8.32 -10.35
C TYR A 51 11.25 -8.04 -11.31
N ASP A 52 12.04 -9.05 -11.70
CA ASP A 52 13.22 -8.83 -12.58
C ASP A 52 12.85 -8.11 -13.90
N GLN A 53 11.66 -8.33 -14.44
CA GLN A 53 11.29 -7.72 -15.75
C GLN A 53 10.32 -6.55 -15.54
N ALA A 54 10.18 -6.05 -14.33
CA ALA A 54 9.27 -4.93 -14.08
C ALA A 54 9.65 -3.74 -14.95
N THR A 55 8.65 -3.08 -15.53
CA THR A 55 8.80 -1.88 -16.38
C THR A 55 8.01 -0.76 -15.75
N SER A 56 8.68 0.08 -14.99
CA SER A 56 8.02 1.29 -14.48
C SER A 56 7.89 2.26 -15.63
N LEU A 57 6.84 3.06 -15.58
CA LEU A 57 6.59 4.05 -16.64
C LEU A 57 6.56 5.49 -16.13
N ARG A 58 5.89 5.73 -15.01
CA ARG A 58 5.47 7.10 -14.67
C ARG A 58 5.22 7.18 -13.18
N ILE A 59 5.30 8.39 -12.64
CA ILE A 59 4.92 8.66 -11.25
C ILE A 59 3.90 9.80 -11.28
N LEU A 60 2.84 9.64 -10.51
CA LEU A 60 1.68 10.53 -10.51
C LEU A 60 1.32 10.96 -9.10
N ASN A 61 1.13 12.25 -8.87
CA ASN A 61 0.48 12.76 -7.65
C ASN A 61 -1.01 12.82 -7.93
N ASN A 62 -1.78 11.93 -7.31
CA ASN A 62 -3.22 11.84 -7.60
C ASN A 62 -4.04 12.63 -6.57
N GLY A 63 -3.40 13.42 -5.73
CA GLY A 63 -4.10 14.23 -4.73
C GLY A 63 -4.33 13.49 -3.41
N HIS A 64 -4.04 12.20 -3.34
CA HIS A 64 -4.13 11.42 -2.08
C HIS A 64 -2.81 10.74 -1.73
N ALA A 65 -2.01 10.40 -2.72
CA ALA A 65 -0.67 9.83 -2.55
C ALA A 65 0.04 10.06 -3.88
N PHE A 66 1.18 9.42 -4.06
CA PHE A 66 1.80 9.32 -5.40
C PHE A 66 1.88 7.85 -5.79
N ASN A 67 1.55 7.57 -7.03
CA ASN A 67 1.63 6.21 -7.57
C ASN A 67 2.80 6.08 -8.55
N VAL A 68 3.63 5.07 -8.34
CA VAL A 68 4.63 4.65 -9.35
C VAL A 68 3.93 3.56 -10.17
N GLU A 69 3.73 3.84 -11.45
CA GLU A 69 2.93 3.01 -12.35
C GLU A 69 3.83 2.10 -13.18
N PHE A 70 3.31 0.93 -13.47
CA PHE A 70 4.03 -0.08 -14.25
C PHE A 70 3.27 -0.47 -15.51
N ASP A 71 4.01 -0.96 -16.48
CA ASP A 71 3.39 -1.60 -17.65
C ASP A 71 2.83 -2.94 -17.21
N ASP A 72 1.52 -3.06 -17.17
CA ASP A 72 0.85 -4.32 -16.79
C ASP A 72 0.17 -4.96 -18.00
N SER A 73 0.68 -4.71 -19.20
CA SER A 73 0.09 -5.27 -20.45
C SER A 73 0.69 -6.65 -20.76
N GLN A 74 1.62 -7.16 -19.94
CA GLN A 74 2.10 -8.57 -19.96
C GLN A 74 2.54 -9.01 -18.57
N ASP A 75 2.76 -10.32 -18.35
CA ASP A 75 3.35 -10.88 -17.10
C ASP A 75 4.83 -10.50 -17.15
N LYS A 76 5.13 -9.37 -16.51
CA LYS A 76 6.50 -8.80 -16.39
C LYS A 76 6.94 -8.69 -14.93
N ALA A 77 6.01 -8.43 -14.05
CA ALA A 77 6.25 -8.24 -12.60
C ALA A 77 5.07 -8.88 -11.90
N VAL A 78 5.26 -10.07 -11.37
CA VAL A 78 4.10 -10.83 -10.86
C VAL A 78 4.37 -11.35 -9.46
N LEU A 79 3.28 -11.44 -8.74
CA LEU A 79 3.21 -12.03 -7.40
C LEU A 79 2.41 -13.32 -7.51
N LYS A 80 2.90 -14.38 -6.90
N LYS A 80 2.99 -14.40 -6.99
CA LYS A 80 2.15 -15.64 -6.83
CA LYS A 80 2.42 -15.77 -7.01
C LYS A 80 2.62 -16.39 -5.59
C LYS A 80 2.64 -16.39 -5.64
N GLY A 81 2.05 -17.56 -5.40
CA GLY A 81 2.36 -18.34 -4.20
C GLY A 81 1.81 -17.64 -2.98
N GLY A 82 2.46 -17.84 -1.86
CA GLY A 82 1.90 -17.35 -0.60
C GLY A 82 0.51 -17.93 -0.42
N PRO A 83 -0.51 -17.09 -0.11
CA PRO A 83 -1.87 -17.55 0.01
C PRO A 83 -2.64 -17.57 -1.33
N LEU A 84 -2.00 -17.16 -2.42
CA LEU A 84 -2.69 -16.86 -3.69
C LEU A 84 -2.84 -18.11 -4.54
N ASP A 85 -3.92 -18.13 -5.29
CA ASP A 85 -4.18 -19.06 -6.41
C ASP A 85 -3.93 -18.24 -7.68
N GLY A 86 -3.09 -18.72 -8.58
CA GLY A 86 -2.82 -18.04 -9.85
C GLY A 86 -1.87 -16.86 -9.71
N THR A 87 -1.94 -15.97 -10.69
CA THR A 87 -0.88 -14.99 -11.00
C THR A 87 -1.46 -13.60 -10.89
N TYR A 88 -0.76 -12.73 -10.19
CA TYR A 88 -1.19 -11.34 -9.98
C TYR A 88 -0.12 -10.42 -10.52
N ARG A 89 -0.53 -9.49 -11.36
CA ARG A 89 0.38 -8.57 -12.07
C ARG A 89 0.49 -7.25 -11.36
N LEU A 90 1.71 -6.76 -11.17
CA LEU A 90 1.96 -5.44 -10.56
C LEU A 90 1.46 -4.33 -11.49
N ILE A 91 0.61 -3.46 -10.93
CA ILE A 91 0.11 -2.27 -11.66
C ILE A 91 0.71 -0.98 -11.12
N GLN A 92 0.85 -0.85 -9.80
CA GLN A 92 1.39 0.39 -9.21
C GLN A 92 1.82 0.11 -7.79
N PHE A 93 2.68 0.98 -7.28
CA PHE A 93 2.86 1.06 -5.83
C PHE A 93 2.72 2.50 -5.39
N HIS A 94 2.40 2.63 -4.10
CA HIS A 94 2.27 3.94 -3.43
C HIS A 94 2.53 3.72 -1.96
N PHE A 95 2.54 4.83 -1.22
CA PHE A 95 2.74 4.82 0.24
C PHE A 95 1.62 5.57 0.93
N HIS A 96 1.52 5.30 2.21
CA HIS A 96 0.76 6.11 3.18
C HIS A 96 1.73 6.51 4.28
N TRP A 97 1.64 7.75 4.77
CA TRP A 97 2.63 8.22 5.75
C TRP A 97 2.01 9.29 6.64
N GLY A 98 2.77 9.62 7.66
CA GLY A 98 2.30 10.51 8.71
C GLY A 98 2.88 11.90 8.65
N SER A 99 2.39 12.76 9.55
CA SER A 99 2.97 14.09 9.79
C SER A 99 4.17 14.00 10.72
N LEU A 100 4.30 12.90 11.46
CA LEU A 100 5.32 12.63 12.49
C LEU A 100 5.73 11.18 12.34
N ASP A 101 6.89 10.82 12.85
CA ASP A 101 7.38 9.44 12.64
C ASP A 101 6.52 8.42 13.41
N GLY A 102 5.82 8.86 14.45
CA GLY A 102 5.01 7.94 15.29
C GLY A 102 3.67 7.54 14.70
N GLN A 103 3.36 7.94 13.48
CA GLN A 103 2.12 7.51 12.81
CA GLN A 103 2.13 7.46 12.81
C GLN A 103 2.36 7.52 11.31
N GLY A 104 1.48 6.85 10.58
CA GLY A 104 1.53 6.87 9.12
C GLY A 104 1.13 5.56 8.51
N SER A 105 1.39 4.42 9.18
CA SER A 105 0.98 3.14 8.62
C SER A 105 -0.52 2.98 8.73
N GLU A 106 -1.05 2.13 7.87
CA GLU A 106 -2.48 1.75 7.86
C GLU A 106 -2.68 0.52 8.72
N HIS A 107 -2.04 -0.59 8.36
CA HIS A 107 -1.97 -1.71 9.29
C HIS A 107 -1.14 -1.30 10.51
N THR A 108 -1.48 -1.92 11.62
CA THR A 108 -0.71 -1.80 12.88
C THR A 108 -0.38 -3.20 13.35
N VAL A 109 0.63 -3.31 14.20
CA VAL A 109 1.11 -4.60 14.70
C VAL A 109 1.06 -4.53 16.21
N ASP A 110 0.12 -5.23 16.83
CA ASP A 110 -0.07 -5.09 18.30
C ASP A 110 -0.23 -3.60 18.65
N LYS A 111 -0.99 -2.89 17.83
CA LYS A 111 -1.31 -1.45 17.96
C LYS A 111 -0.13 -0.53 17.63
N LYS A 112 1.04 -1.07 17.29
CA LYS A 112 2.17 -0.22 16.86
C LYS A 112 1.86 0.37 15.48
N LYS A 113 2.04 1.66 15.38
CA LYS A 113 2.00 2.39 14.11
CA LYS A 113 1.99 2.40 14.10
C LYS A 113 3.42 2.63 13.63
N TYR A 114 3.67 2.29 12.38
CA TYR A 114 4.94 2.61 11.72
C TYR A 114 4.85 3.99 11.08
N ALA A 115 6.00 4.51 10.66
CA ALA A 115 6.08 5.85 10.06
C ALA A 115 5.39 5.90 8.70
N ALA A 116 5.35 4.78 8.00
CA ALA A 116 4.74 4.75 6.66
C ALA A 116 4.48 3.29 6.30
N GLU A 117 3.76 3.11 5.19
CA GLU A 117 3.46 1.77 4.69
C GLU A 117 3.42 1.83 3.16
N LEU A 118 4.18 0.94 2.54
CA LEU A 118 4.24 0.76 1.09
C LEU A 118 3.23 -0.30 0.68
N HIS A 119 2.48 0.00 -0.37
CA HIS A 119 1.50 -0.92 -0.97
C HIS A 119 1.88 -1.19 -2.42
N LEU A 120 2.27 -2.43 -2.71
CA LEU A 120 2.51 -2.90 -4.08
C LEU A 120 1.22 -3.60 -4.52
N VAL A 121 0.56 -3.02 -5.51
CA VAL A 121 -0.81 -3.43 -5.91
C VAL A 121 -0.75 -4.31 -7.13
N HIS A 122 -1.38 -5.48 -7.04
CA HIS A 122 -1.37 -6.48 -8.13
C HIS A 122 -2.78 -6.94 -8.41
N TRP A 123 -3.07 -7.24 -9.68
CA TRP A 123 -4.40 -7.73 -10.06
C TRP A 123 -4.31 -9.15 -10.66
N ASN A 124 -5.36 -9.90 -10.38
CA ASN A 124 -5.46 -11.33 -10.76
C ASN A 124 -5.67 -11.44 -12.27
N THR A 125 -4.72 -12.08 -12.96
CA THR A 125 -4.73 -12.10 -14.44
C THR A 125 -5.97 -12.85 -14.94
N LYS A 126 -6.63 -13.64 -14.12
CA LYS A 126 -7.79 -14.38 -14.63
C LYS A 126 -8.96 -13.43 -14.91
N TYR A 127 -8.91 -12.18 -14.46
CA TYR A 127 -9.99 -11.20 -14.74
C TYR A 127 -9.61 -10.21 -15.84
N GLY A 128 -8.43 -10.34 -16.43
CA GLY A 128 -8.15 -9.63 -17.69
C GLY A 128 -7.69 -8.19 -17.56
N ASP A 129 -8.36 -7.37 -16.73
N ASP A 129 -8.12 -7.46 -16.56
CA ASP A 129 -8.00 -5.94 -16.48
CA ASP A 129 -7.46 -6.17 -16.29
C ASP A 129 -8.24 -5.55 -15.00
C ASP A 129 -7.88 -5.77 -14.90
N PHE A 130 -7.50 -4.56 -14.52
CA PHE A 130 -7.64 -4.09 -13.14
C PHE A 130 -9.10 -3.74 -12.82
N GLY A 131 -9.78 -3.04 -13.73
CA GLY A 131 -11.16 -2.61 -13.49
C GLY A 131 -12.12 -3.76 -13.28
N LYS A 132 -11.91 -4.86 -14.00
CA LYS A 132 -12.72 -6.07 -13.78
C LYS A 132 -12.27 -6.76 -12.48
N ALA A 133 -10.98 -6.77 -12.21
CA ALA A 133 -10.48 -7.48 -11.01
C ALA A 133 -11.07 -6.86 -9.72
N VAL A 134 -11.22 -5.54 -9.66
CA VAL A 134 -11.67 -4.93 -8.38
C VAL A 134 -13.13 -5.30 -8.08
N GLN A 135 -13.83 -5.87 -9.04
CA GLN A 135 -15.24 -6.31 -8.82
C GLN A 135 -15.30 -7.75 -8.31
N GLN A 136 -14.16 -8.35 -7.97
CA GLN A 136 -14.10 -9.77 -7.58
CA GLN A 136 -14.12 -9.76 -7.57
C GLN A 136 -13.49 -9.90 -6.21
N PRO A 137 -13.93 -10.89 -5.40
CA PRO A 137 -13.41 -11.00 -4.04
C PRO A 137 -11.95 -11.44 -3.96
N ASP A 138 -11.46 -12.05 -5.04
CA ASP A 138 -10.04 -12.44 -5.16
C ASP A 138 -9.41 -11.68 -6.32
N GLY A 139 -9.81 -10.44 -6.54
CA GLY A 139 -9.31 -9.69 -7.69
C GLY A 139 -7.91 -9.10 -7.51
N LEU A 140 -7.56 -8.67 -6.29
CA LEU A 140 -6.29 -7.98 -6.06
C LEU A 140 -5.49 -8.71 -5.00
N ALA A 141 -4.18 -8.53 -5.06
CA ALA A 141 -3.26 -8.89 -3.97
C ALA A 141 -2.42 -7.65 -3.73
N VAL A 142 -2.46 -7.16 -2.50
CA VAL A 142 -1.64 -5.99 -2.13
C VAL A 142 -0.61 -6.47 -1.14
N LEU A 143 0.65 -6.23 -1.50
CA LEU A 143 1.81 -6.53 -0.64
C LEU A 143 2.11 -5.27 0.14
N GLY A 144 1.95 -5.35 1.46
CA GLY A 144 2.19 -4.22 2.34
C GLY A 144 3.51 -4.39 3.09
N ILE A 145 4.26 -3.29 3.14
CA ILE A 145 5.60 -3.28 3.75
C ILE A 145 5.68 -2.06 4.63
N PHE A 146 5.99 -2.27 5.90
CA PHE A 146 6.13 -1.16 6.84
C PHE A 146 7.45 -0.44 6.62
N LEU A 147 7.45 0.86 6.91
CA LEU A 147 8.64 1.71 6.92
C LEU A 147 8.85 2.25 8.34
N LYS A 148 10.07 2.08 8.83
CA LYS A 148 10.52 2.74 10.06
C LYS A 148 11.64 3.71 9.70
N VAL A 149 11.84 4.71 10.53
CA VAL A 149 12.87 5.74 10.32
C VAL A 149 14.16 5.30 11.00
N GLY A 150 15.22 5.21 10.22
CA GLY A 150 16.56 4.89 10.72
C GLY A 150 17.54 5.14 9.62
N SER A 151 18.22 4.09 9.17
N SER A 151 18.22 4.09 9.15
CA SER A 151 19.12 4.14 8.01
CA SER A 151 19.16 4.15 8.02
C SER A 151 18.31 4.47 6.75
C SER A 151 18.39 4.34 6.71
N ALA A 152 18.95 5.11 5.78
CA ALA A 152 18.35 5.34 4.46
C ALA A 152 18.16 4.01 3.72
N LYS A 153 17.13 3.99 2.89
CA LYS A 153 16.92 2.88 1.93
C LYS A 153 17.45 3.32 0.58
N PRO A 154 18.61 2.82 0.13
CA PRO A 154 19.20 3.38 -1.09
C PRO A 154 18.26 3.27 -2.29
N GLY A 155 17.50 2.16 -2.35
CA GLY A 155 16.60 1.88 -3.48
C GLY A 155 15.38 2.78 -3.51
N LEU A 156 15.13 3.54 -2.46
CA LEU A 156 14.02 4.53 -2.42
C LEU A 156 14.46 5.89 -2.96
N GLN A 157 15.74 6.19 -3.04
CA GLN A 157 16.16 7.60 -3.23
C GLN A 157 15.69 8.09 -4.60
N LYS A 158 15.68 7.26 -5.65
CA LYS A 158 15.22 7.72 -6.98
C LYS A 158 13.77 8.21 -6.90
N VAL A 159 12.95 7.56 -6.10
CA VAL A 159 11.56 8.03 -5.86
C VAL A 159 11.58 9.39 -5.17
N VAL A 160 12.31 9.49 -4.07
CA VAL A 160 12.41 10.73 -3.26
C VAL A 160 12.79 11.90 -4.16
N ASP A 161 13.76 11.69 -5.04
CA ASP A 161 14.34 12.81 -5.80
C ASP A 161 13.44 13.28 -6.94
N VAL A 162 12.43 12.53 -7.33
CA VAL A 162 11.50 12.98 -8.40
C VAL A 162 10.31 13.72 -7.78
N LEU A 163 10.13 13.65 -6.46
CA LEU A 163 8.91 14.21 -5.84
C LEU A 163 8.80 15.71 -6.05
N ASP A 164 9.91 16.42 -6.12
CA ASP A 164 9.86 17.88 -6.37
C ASP A 164 9.14 18.19 -7.68
N SER A 165 9.15 17.27 -8.65
CA SER A 165 8.56 17.48 -9.99
C SER A 165 7.07 17.13 -10.00
N ILE A 166 6.54 16.52 -8.94
CA ILE A 166 5.09 16.15 -8.88
C ILE A 166 4.49 16.68 -7.58
N LYS A 167 4.83 17.93 -7.23
CA LYS A 167 4.50 18.42 -5.88
C LYS A 167 2.99 18.42 -5.67
N THR A 168 2.24 18.75 -6.70
CA THR A 168 0.79 19.03 -6.58
C THR A 168 -0.06 18.04 -7.38
N LYS A 169 -1.31 17.96 -6.94
CA LYS A 169 -2.31 17.05 -7.50
C LYS A 169 -2.41 17.17 -9.00
N GLY A 170 -2.35 16.03 -9.69
CA GLY A 170 -2.49 15.95 -11.15
C GLY A 170 -1.18 16.08 -11.89
N LYS A 171 -0.08 16.34 -11.21
CA LYS A 171 1.25 16.35 -11.87
CA LYS A 171 1.25 16.34 -11.85
C LYS A 171 1.77 14.91 -11.99
N SER A 172 2.35 14.63 -13.14
CA SER A 172 3.03 13.34 -13.42
C SER A 172 4.41 13.60 -13.99
N ALA A 173 5.28 12.59 -13.90
CA ALA A 173 6.62 12.65 -14.50
C ALA A 173 7.00 11.28 -15.04
N ASP A 174 7.74 11.26 -16.13
CA ASP A 174 8.29 9.97 -16.63
C ASP A 174 9.10 9.37 -15.49
N PHE A 175 9.00 8.06 -15.34
CA PHE A 175 9.69 7.35 -14.24
C PHE A 175 9.95 5.93 -14.70
N THR A 176 10.87 5.82 -15.62
CA THR A 176 11.25 4.54 -16.24
C THR A 176 12.41 3.91 -15.48
N ASN A 177 12.55 2.60 -15.66
CA ASN A 177 13.70 1.81 -15.19
C ASN A 177 13.84 1.82 -13.67
N PHE A 178 12.75 2.00 -12.94
CA PHE A 178 12.81 1.91 -11.47
C PHE A 178 12.58 0.46 -11.08
N ASP A 179 13.46 -0.07 -10.24
CA ASP A 179 13.43 -1.48 -9.87
C ASP A 179 12.82 -1.64 -8.47
N PRO A 180 11.57 -2.12 -8.33
CA PRO A 180 10.94 -2.21 -7.02
C PRO A 180 11.58 -3.24 -6.10
N ARG A 181 12.48 -4.09 -6.62
CA ARG A 181 13.19 -5.04 -5.75
C ARG A 181 13.97 -4.28 -4.67
N GLY A 182 14.39 -3.04 -4.97
CA GLY A 182 15.15 -2.26 -4.00
C GLY A 182 14.32 -1.72 -2.85
N LEU A 183 13.03 -2.03 -2.79
CA LEU A 183 12.15 -1.61 -1.67
C LEU A 183 11.78 -2.80 -0.78
N LEU A 184 12.29 -4.00 -1.06
CA LEU A 184 11.89 -5.20 -0.29
C LEU A 184 12.83 -5.40 0.88
N PRO A 185 12.30 -5.89 2.02
CA PRO A 185 13.16 -6.30 3.12
C PRO A 185 13.79 -7.66 2.79
N GLU A 186 14.65 -8.12 3.68
CA GLU A 186 15.35 -9.41 3.49
C GLU A 186 14.35 -10.55 3.52
N SER A 187 13.53 -10.60 4.57
CA SER A 187 12.59 -11.73 4.78
C SER A 187 11.27 -11.47 4.07
N LEU A 188 10.70 -12.52 3.50
CA LEU A 188 9.32 -12.47 2.95
C LEU A 188 8.33 -13.15 3.90
N ASP A 189 8.65 -13.31 5.17
CA ASP A 189 7.64 -13.77 6.15
C ASP A 189 6.48 -12.78 6.18
N TYR A 190 5.27 -13.29 6.30
CA TYR A 190 4.09 -12.41 6.14
C TYR A 190 2.91 -12.89 6.99
N TRP A 191 1.99 -11.93 7.17
CA TRP A 191 0.62 -12.19 7.61
C TRP A 191 -0.31 -12.00 6.42
N THR A 192 -1.44 -12.70 6.42
CA THR A 192 -2.42 -12.55 5.32
C THR A 192 -3.83 -12.62 5.86
N TYR A 193 -4.72 -11.86 5.22
CA TYR A 193 -6.15 -11.88 5.57
C TYR A 193 -6.92 -11.29 4.38
N PRO A 194 -8.23 -11.57 4.30
CA PRO A 194 -9.06 -11.00 3.24
C PRO A 194 -9.56 -9.61 3.64
N GLY A 195 -9.39 -8.64 2.75
CA GLY A 195 -9.82 -7.27 3.07
C GLY A 195 -10.20 -6.48 1.86
N SER A 196 -9.91 -5.19 1.93
CA SER A 196 -10.46 -4.20 1.01
C SER A 196 -9.39 -3.22 0.54
N LEU A 197 -9.76 -2.43 -0.47
CA LEU A 197 -9.04 -1.19 -0.73
C LEU A 197 -9.14 -0.30 0.52
N THR A 198 -8.07 0.45 0.82
CA THR A 198 -8.10 1.33 1.99
C THR A 198 -8.46 2.77 1.64
N THR A 199 -8.74 3.05 0.37
CA THR A 199 -9.32 4.32 -0.06
C THR A 199 -10.61 4.02 -0.80
N PRO A 200 -11.51 5.02 -0.90
CA PRO A 200 -12.65 4.88 -1.79
C PRO A 200 -12.20 4.42 -3.17
N PRO A 201 -12.89 3.45 -3.79
CA PRO A 201 -14.22 2.98 -3.40
C PRO A 201 -14.30 1.86 -2.35
N LEU A 202 -13.18 1.53 -1.68
CA LEU A 202 -13.22 0.64 -0.48
C LEU A 202 -13.70 -0.77 -0.83
N LEU A 203 -13.51 -1.19 -2.07
CA LEU A 203 -14.05 -2.47 -2.56
C LEU A 203 -13.38 -3.63 -1.85
N GLU A 204 -14.17 -4.65 -1.58
CA GLU A 204 -13.76 -5.83 -0.78
C GLU A 204 -13.20 -6.90 -1.72
N CYS A 205 -12.06 -6.57 -2.32
CA CYS A 205 -11.49 -7.32 -3.45
C CYS A 205 -10.04 -7.72 -3.20
N VAL A 206 -9.52 -7.54 -1.98
CA VAL A 206 -8.06 -7.65 -1.76
C VAL A 206 -7.73 -8.86 -0.89
N THR A 207 -6.76 -9.65 -1.33
CA THR A 207 -5.99 -10.53 -0.43
C THR A 207 -4.80 -9.72 0.05
N TRP A 208 -4.79 -9.38 1.33
CA TRP A 208 -3.68 -8.62 1.93
C TRP A 208 -2.56 -9.57 2.32
N ILE A 209 -1.33 -9.16 1.99
CA ILE A 209 -0.11 -9.88 2.37
C ILE A 209 0.79 -8.81 2.99
N VAL A 210 0.97 -8.84 4.30
CA VAL A 210 1.71 -7.80 5.03
C VAL A 210 3.00 -8.42 5.54
N LEU A 211 4.13 -7.91 5.09
CA LEU A 211 5.41 -8.46 5.51
C LEU A 211 5.70 -8.10 6.97
N LYS A 212 6.26 -9.07 7.69
CA LYS A 212 6.65 -8.84 9.09
C LYS A 212 7.82 -7.89 9.23
N GLU A 213 8.82 -8.01 8.36
N GLU A 213 8.80 -7.91 8.33
CA GLU A 213 10.07 -7.25 8.47
CA GLU A 213 10.01 -7.08 8.49
C GLU A 213 9.85 -5.89 7.83
C GLU A 213 9.81 -5.73 7.85
N PRO A 214 10.03 -4.78 8.57
N PRO A 214 9.91 -4.63 8.64
CA PRO A 214 9.93 -3.47 7.96
CA PRO A 214 9.89 -3.30 8.05
C PRO A 214 11.18 -3.17 7.14
C PRO A 214 11.19 -3.01 7.31
N ILE A 215 11.10 -2.14 6.31
CA ILE A 215 12.31 -1.53 5.74
C ILE A 215 12.60 -0.27 6.54
N SER A 216 13.86 0.09 6.58
N SER A 216 13.87 0.09 6.61
CA SER A 216 14.33 1.35 7.17
CA SER A 216 14.32 1.35 7.26
C SER A 216 14.48 2.38 6.06
C SER A 216 14.59 2.40 6.17
N VAL A 217 13.99 3.58 6.33
CA VAL A 217 14.22 4.77 5.48
C VAL A 217 14.78 5.87 6.35
N SER A 218 15.45 6.85 5.78
CA SER A 218 16.01 7.89 6.64
C SER A 218 14.96 8.96 6.96
N SER A 219 15.22 9.71 8.00
CA SER A 219 14.37 10.87 8.34
CA SER A 219 14.34 10.85 8.33
C SER A 219 14.27 11.79 7.12
N GLU A 220 15.36 12.00 6.41
CA GLU A 220 15.37 12.92 5.26
C GLU A 220 14.48 12.38 4.15
N GLN A 221 14.45 11.07 3.95
CA GLN A 221 13.60 10.48 2.90
C GLN A 221 12.13 10.71 3.23
N VAL A 222 11.70 10.40 4.44
CA VAL A 222 10.27 10.56 4.77
C VAL A 222 9.92 12.06 4.84
N LEU A 223 10.85 12.92 5.24
CA LEU A 223 10.57 14.37 5.26
C LEU A 223 10.23 14.84 3.85
N LYS A 224 10.82 14.27 2.81
CA LYS A 224 10.51 14.67 1.42
C LYS A 224 9.11 14.20 1.03
N PHE A 225 8.65 13.05 1.51
CA PHE A 225 7.24 12.68 1.29
C PHE A 225 6.32 13.78 1.82
N ARG A 226 6.66 14.34 2.98
CA ARG A 226 5.81 15.27 3.71
C ARG A 226 5.83 16.67 3.09
N LYS A 227 6.65 16.91 2.08
CA LYS A 227 6.65 18.19 1.33
C LYS A 227 5.69 18.16 0.15
N LEU A 228 5.17 16.99 -0.22
CA LEU A 228 4.15 16.90 -1.26
C LEU A 228 2.90 17.66 -0.82
N ASN A 229 2.04 17.95 -1.77
CA ASN A 229 0.78 18.68 -1.54
C ASN A 229 -0.42 17.84 -1.98
N PHE A 230 -1.48 17.91 -1.17
CA PHE A 230 -2.79 17.37 -1.57
C PHE A 230 -3.43 18.26 -2.64
N ASN A 231 -3.22 19.56 -2.56
CA ASN A 231 -3.83 20.55 -3.47
C ASN A 231 -3.18 20.51 -4.85
N GLY A 232 -3.91 21.11 -5.80
CA GLY A 232 -3.37 21.40 -7.14
C GLY A 232 -2.55 22.68 -7.17
N GLU A 233 -1.74 22.84 -8.22
CA GLU A 233 -0.90 24.04 -8.42
C GLU A 233 -1.77 25.31 -8.37
N GLY A 234 -1.28 26.32 -7.67
CA GLY A 234 -1.96 27.62 -7.59
C GLY A 234 -3.15 27.59 -6.64
N GLU A 235 -3.23 26.55 -5.81
CA GLU A 235 -4.25 26.45 -4.74
C GLU A 235 -3.55 26.56 -3.38
N PRO A 236 -4.32 26.84 -2.31
CA PRO A 236 -3.76 26.97 -0.97
C PRO A 236 -2.98 25.70 -0.58
N GLU A 237 -1.75 25.85 -0.09
CA GLU A 237 -0.88 24.67 0.18
C GLU A 237 -1.44 23.86 1.35
N GLU A 238 -1.68 22.59 1.11
CA GLU A 238 -2.07 21.63 2.16
C GLU A 238 -1.10 20.46 2.05
N LEU A 239 -0.22 20.34 3.04
CA LEU A 239 0.82 19.29 2.95
C LEU A 239 0.14 17.92 2.90
N MET A 240 0.68 17.07 2.05
CA MET A 240 0.24 15.66 1.93
C MET A 240 0.92 14.88 3.05
N VAL A 241 0.20 14.81 4.16
CA VAL A 241 0.60 14.07 5.38
C VAL A 241 -0.65 13.43 5.97
N ASP A 242 -0.44 12.35 6.71
CA ASP A 242 -1.54 11.65 7.39
C ASP A 242 -2.60 11.17 6.39
N ASN A 243 -2.11 10.57 5.32
CA ASN A 243 -2.97 10.00 4.26
C ASN A 243 -3.19 8.51 4.50
N TRP A 244 -3.49 8.15 5.75
CA TRP A 244 -3.72 6.77 6.18
C TRP A 244 -5.11 6.65 6.76
N ARG A 245 -5.72 5.51 6.50
CA ARG A 245 -7.00 5.10 7.13
C ARG A 245 -6.65 4.34 8.39
N PRO A 246 -7.33 4.59 9.51
CA PRO A 246 -7.02 3.81 10.70
CA PRO A 246 -7.14 3.83 10.74
C PRO A 246 -7.58 2.38 10.62
N ALA A 247 -7.14 1.57 11.55
CA ALA A 247 -7.58 0.17 11.63
C ALA A 247 -9.10 0.08 11.77
N GLN A 248 -9.65 -0.88 11.04
CA GLN A 248 -11.10 -1.17 10.98
C GLN A 248 -11.39 -2.46 11.71
N PRO A 249 -12.67 -2.70 12.05
CA PRO A 249 -13.02 -3.91 12.81
C PRO A 249 -12.67 -5.18 12.04
N LEU A 250 -12.10 -6.14 12.75
CA LEU A 250 -11.71 -7.42 12.12
C LEU A 250 -12.94 -8.25 11.77
N LYS A 251 -14.00 -8.16 12.56
CA LYS A 251 -15.27 -8.91 12.28
C LYS A 251 -14.93 -10.39 12.15
N ASN A 252 -15.52 -11.09 11.18
CA ASN A 252 -15.43 -12.54 11.14
C ASN A 252 -14.24 -12.89 10.26
N ARG A 253 -13.00 -12.45 10.64
CA ARG A 253 -11.80 -12.80 9.89
C ARG A 253 -10.69 -13.35 10.75
N GLN A 254 -9.90 -14.21 10.12
CA GLN A 254 -8.69 -14.76 10.72
C GLN A 254 -7.48 -14.22 9.97
N ILE A 255 -6.51 -13.76 10.73
CA ILE A 255 -5.19 -13.40 10.17
C ILE A 255 -4.29 -14.61 10.32
N LYS A 256 -3.65 -14.99 9.24
CA LYS A 256 -2.76 -16.19 9.21
C LYS A 256 -1.34 -15.72 9.06
N ALA A 257 -0.43 -16.42 9.71
CA ALA A 257 1.02 -16.15 9.66
C ALA A 257 1.68 -17.24 8.83
N SER A 258 2.65 -16.84 8.01
CA SER A 258 3.45 -17.78 7.18
C SER A 258 4.60 -18.39 8.00
N PHE A 259 4.82 -17.92 9.20
CA PHE A 259 6.05 -18.19 10.00
C PHE A 259 5.63 -18.50 11.43
N LYS A 260 6.50 -19.23 12.10
CA LYS A 260 6.33 -19.59 13.53
C LYS A 260 7.06 -18.54 14.39
C 65T B 1 -11.38 1.55 -8.86
O 65T B 1 -12.54 1.16 -8.79
CA 65T B 1 -10.43 1.23 -7.81
N3 65T B 1 -9.31 1.82 -7.70
O4 65T B 1 -8.57 1.27 -6.66
C11 65T B 1 -7.31 1.94 -6.56
C01 65T B 1 -6.70 1.48 -5.27
C02 65T B 1 -5.63 0.59 -5.27
C03 65T B 1 -5.02 0.20 -4.09
C04 65T B 1 -5.50 0.69 -2.89
S07 65T B 1 -4.75 0.22 -1.35
NP0 65T B 1 -4.43 1.55 -0.55
O09 65T B 1 -5.74 -0.56 -0.66
O08 65T B 1 -3.52 -0.42 -1.73
C05 65T B 1 -6.59 1.57 -2.88
C06 65T B 1 -7.18 1.95 -4.08
N SER B 2 -10.87 2.18 -9.94
CA SER B 2 -11.61 2.37 -11.18
ZN ZN C . -2.55 1.94 -0.13
#